data_8AR2
#
_entry.id   8AR2
#
_cell.length_a   1.000
_cell.length_b   1.000
_cell.length_c   1.000
_cell.angle_alpha   90.00
_cell.angle_beta   90.00
_cell.angle_gamma   90.00
#
_symmetry.space_group_name_H-M   'P 1'
#
_entity_poly.entity_id   1
_entity_poly.type   'polypeptide(L)'
_entity_poly.pdbx_seq_one_letter_code
;MEEVLKSLKFSLFIVCTVTLTLFLMTILTVTKFRGFCFICYKTAQRLVFK
;
_entity_poly.pdbx_strand_id   A
#
# COMPACT_ATOMS: atom_id res chain seq x y z
N MET A 1 0.56 -21.71 13.97
CA MET A 1 0.08 -20.48 14.57
C MET A 1 0.76 -20.23 15.92
N GLU A 2 0.97 -21.30 16.67
CA GLU A 2 1.61 -21.20 17.99
C GLU A 2 2.93 -20.46 17.89
N GLU A 3 3.82 -20.93 17.02
CA GLU A 3 5.12 -20.30 16.84
C GLU A 3 4.97 -18.81 16.58
N VAL A 4 4.24 -18.46 15.53
CA VAL A 4 4.03 -17.06 15.19
C VAL A 4 3.63 -16.24 16.40
N LEU A 5 2.68 -16.77 17.18
CA LEU A 5 2.20 -16.09 18.37
C LEU A 5 3.37 -15.64 19.24
N LYS A 6 4.39 -16.49 19.35
CA LYS A 6 5.57 -16.18 20.15
C LYS A 6 6.54 -15.31 19.37
N SER A 7 6.50 -15.42 18.04
CA SER A 7 7.38 -14.65 17.17
C SER A 7 7.05 -13.16 17.25
N LEU A 8 5.77 -12.85 17.45
CA LEU A 8 5.33 -11.46 17.55
C LEU A 8 6.22 -10.68 18.50
N LYS A 9 6.71 -11.35 19.54
CA LYS A 9 7.57 -10.71 20.53
C LYS A 9 8.70 -9.93 19.85
N PHE A 10 9.46 -10.63 19.01
CA PHE A 10 10.57 -10.00 18.30
C PHE A 10 10.08 -9.33 17.01
N SER A 11 9.14 -9.98 16.33
CA SER A 11 8.59 -9.47 15.09
C SER A 11 8.04 -8.06 15.29
N LEU A 12 7.65 -7.75 16.52
CA LEU A 12 7.11 -6.43 16.85
C LEU A 12 7.98 -5.32 16.27
N PHE A 13 9.29 -5.42 16.50
CA PHE A 13 10.22 -4.42 16.01
C PHE A 13 10.15 -4.32 14.48
N ILE A 14 9.96 -5.46 13.83
CA ILE A 14 9.87 -5.48 12.38
C ILE A 14 8.74 -4.59 11.88
N VAL A 15 7.60 -4.65 12.55
CA VAL A 15 6.44 -3.84 12.19
C VAL A 15 6.85 -2.41 11.86
N CYS A 16 7.45 -1.74 12.83
CA CYS A 16 7.90 -0.36 12.65
C CYS A 16 8.59 -0.19 11.29
N THR A 17 9.35 -1.20 10.89
CA THR A 17 10.07 -1.16 9.62
C THR A 17 9.15 -1.48 8.46
N VAL A 18 8.24 -2.43 8.67
CA VAL A 18 7.29 -2.83 7.64
C VAL A 18 6.34 -1.70 7.29
N THR A 19 6.20 -0.75 8.22
CA THR A 19 5.32 0.39 8.02
C THR A 19 5.52 1.00 6.63
N LEU A 20 6.76 1.35 6.32
CA LEU A 20 7.08 1.95 5.03
C LEU A 20 6.73 0.99 3.89
N THR A 21 6.98 -0.29 4.10
CA THR A 21 6.68 -1.30 3.09
C THR A 21 5.27 -1.16 2.56
N LEU A 22 4.33 -0.91 3.47
CA LEU A 22 2.92 -0.75 3.08
C LEU A 22 2.77 0.36 2.05
N PHE A 23 3.39 1.50 2.32
CA PHE A 23 3.32 2.64 1.42
C PHE A 23 4.00 2.32 0.09
N LEU A 24 5.14 1.64 0.16
CA LEU A 24 5.89 1.28 -1.04
C LEU A 24 5.08 0.33 -1.92
N MET A 25 4.55 -0.73 -1.32
CA MET A 25 3.75 -1.71 -2.05
C MET A 25 2.50 -1.06 -2.62
N THR A 26 2.07 0.04 -2.01
CA THR A 26 0.88 0.76 -2.45
C THR A 26 1.14 1.48 -3.77
N ILE A 27 2.23 2.24 -3.82
CA ILE A 27 2.58 2.99 -5.02
C ILE A 27 2.69 2.06 -6.23
N LEU A 28 3.17 0.84 -6.00
CA LEU A 28 3.33 -0.14 -7.06
C LEU A 28 1.97 -0.62 -7.55
N THR A 29 1.02 -0.75 -6.63
CA THR A 29 -0.33 -1.20 -6.97
C THR A 29 -1.12 -0.10 -7.64
N VAL A 30 -0.89 1.14 -7.22
CA VAL A 30 -1.60 2.28 -7.79
C VAL A 30 -1.48 2.29 -9.31
N THR A 31 -0.29 2.04 -9.81
CA THR A 31 -0.05 2.02 -11.25
C THR A 31 -0.72 0.82 -11.91
N LYS A 32 -0.40 -0.37 -11.41
CA LYS A 32 -0.97 -1.61 -11.94
C LYS A 32 -2.49 -1.53 -11.97
N PHE A 33 -3.07 -0.86 -10.98
CA PHE A 33 -4.52 -0.71 -10.90
C PHE A 33 -5.09 -0.18 -12.21
N ARG A 34 -4.33 0.70 -12.87
CA ARG A 34 -4.76 1.27 -14.14
C ARG A 34 -5.19 0.18 -15.12
N GLY A 35 -4.36 -0.84 -15.25
CA GLY A 35 -4.67 -1.93 -16.16
C GLY A 35 -5.58 -2.97 -15.52
N PHE A 36 -5.32 -3.29 -14.26
CA PHE A 36 -6.10 -4.27 -13.53
C PHE A 36 -7.59 -3.93 -13.58
N CYS A 37 -7.89 -2.62 -13.57
CA CYS A 37 -9.26 -2.15 -13.61
C CYS A 37 -10.03 -2.79 -14.77
N PHE A 38 -9.33 -2.99 -15.88
CA PHE A 38 -9.94 -3.59 -17.06
C PHE A 38 -9.92 -5.12 -16.97
N ILE A 39 -8.73 -5.68 -16.79
CA ILE A 39 -8.58 -7.13 -16.69
C ILE A 39 -9.55 -7.70 -15.67
N CYS A 40 -9.86 -6.92 -14.64
CA CYS A 40 -10.77 -7.36 -13.59
C CYS A 40 -12.06 -7.91 -14.20
N TYR A 41 -12.77 -7.07 -14.94
CA TYR A 41 -14.03 -7.46 -15.56
C TYR A 41 -13.77 -8.22 -16.87
N LYS A 42 -12.75 -7.79 -17.60
CA LYS A 42 -12.39 -8.42 -18.86
C LYS A 42 -12.19 -9.92 -18.69
N THR A 43 -11.56 -10.30 -17.57
CA THR A 43 -11.30 -11.71 -17.29
C THR A 43 -12.51 -12.36 -16.61
N ALA A 44 -13.20 -11.58 -15.78
CA ALA A 44 -14.37 -12.07 -15.07
C ALA A 44 -15.47 -12.49 -16.04
N GLN A 45 -15.61 -11.74 -17.13
CA GLN A 45 -16.62 -12.05 -18.13
C GLN A 45 -16.54 -13.51 -18.57
N ARG A 46 -15.39 -13.90 -19.12
CA ARG A 46 -15.18 -15.26 -19.57
C ARG A 46 -15.29 -16.25 -18.41
N LEU A 47 -14.86 -15.81 -17.23
CA LEU A 47 -14.91 -16.65 -16.04
C LEU A 47 -16.34 -17.01 -15.68
N VAL A 48 -17.26 -16.08 -15.92
CA VAL A 48 -18.67 -16.30 -15.61
C VAL A 48 -19.31 -17.20 -16.66
N PHE A 49 -18.84 -17.10 -17.90
CA PHE A 49 -19.36 -17.91 -18.99
C PHE A 49 -20.88 -17.81 -19.06
N LYS A 50 -21.37 -16.66 -19.52
CA LYS A 50 -22.81 -16.43 -19.64
C LYS A 50 -23.40 -17.24 -20.79
N MET A 1 -6.06 -12.72 22.81
CA MET A 1 -5.53 -11.38 22.98
C MET A 1 -4.27 -11.39 23.83
N GLU A 2 -4.41 -11.82 25.09
CA GLU A 2 -3.27 -11.87 26.01
C GLU A 2 -2.13 -12.67 25.40
N GLU A 3 -2.45 -13.81 24.81
CA GLU A 3 -1.44 -14.67 24.19
C GLU A 3 -0.71 -13.92 23.07
N VAL A 4 -1.48 -13.19 22.27
CA VAL A 4 -0.91 -12.43 21.16
C VAL A 4 -0.01 -11.31 21.66
N LEU A 5 -0.47 -10.60 22.68
CA LEU A 5 0.29 -9.50 23.26
C LEU A 5 1.73 -9.93 23.56
N LYS A 6 1.89 -11.17 23.98
CA LYS A 6 3.22 -11.71 24.29
C LYS A 6 4.11 -11.70 23.06
N SER A 7 3.60 -12.21 21.95
CA SER A 7 4.35 -12.26 20.70
C SER A 7 4.56 -10.86 20.14
N LEU A 8 3.53 -10.03 20.23
CA LEU A 8 3.60 -8.66 19.73
C LEU A 8 4.82 -7.94 20.29
N LYS A 9 5.23 -8.32 21.49
CA LYS A 9 6.39 -7.71 22.13
C LYS A 9 7.58 -7.67 21.17
N PHE A 10 7.98 -8.83 20.67
CA PHE A 10 9.11 -8.92 19.75
C PHE A 10 8.65 -8.68 18.32
N SER A 11 7.45 -9.15 18.00
CA SER A 11 6.89 -8.99 16.65
C SER A 11 6.87 -7.52 16.24
N LEU A 12 6.73 -6.64 17.23
CA LEU A 12 6.70 -5.21 16.98
C LEU A 12 7.86 -4.78 16.09
N PHE A 13 9.06 -5.25 16.43
CA PHE A 13 10.26 -4.94 15.66
C PHE A 13 10.01 -5.11 14.16
N ILE A 14 9.66 -6.33 13.77
CA ILE A 14 9.40 -6.63 12.37
C ILE A 14 8.26 -5.77 11.82
N VAL A 15 7.15 -5.75 12.55
CA VAL A 15 5.99 -4.97 12.15
C VAL A 15 6.38 -3.55 11.79
N CYS A 16 7.25 -2.96 12.60
CA CYS A 16 7.71 -1.59 12.38
C CYS A 16 8.30 -1.44 10.97
N THR A 17 9.19 -2.36 10.61
CA THR A 17 9.82 -2.34 9.30
C THR A 17 8.80 -2.57 8.19
N VAL A 18 7.93 -3.56 8.39
CA VAL A 18 6.91 -3.88 7.41
C VAL A 18 6.09 -2.65 7.04
N THR A 19 5.92 -1.75 8.01
CA THR A 19 5.15 -0.53 7.79
C THR A 19 5.60 0.19 6.53
N LEU A 20 6.89 0.45 6.43
CA LEU A 20 7.45 1.14 5.26
C LEU A 20 7.00 0.45 3.97
N THR A 21 7.07 -0.88 3.96
CA THR A 21 6.66 -1.65 2.79
C THR A 21 5.30 -1.20 2.27
N LEU A 22 4.35 -1.05 3.20
CA LEU A 22 3.00 -0.62 2.84
C LEU A 22 3.01 0.73 2.16
N PHE A 23 3.74 1.68 2.74
CA PHE A 23 3.84 3.02 2.18
C PHE A 23 4.36 2.99 0.75
N LEU A 24 5.40 2.19 0.54
CA LEU A 24 6.00 2.06 -0.79
C LEU A 24 4.97 1.55 -1.79
N MET A 25 4.38 0.40 -1.50
CA MET A 25 3.39 -0.20 -2.38
C MET A 25 2.31 0.81 -2.73
N THR A 26 2.00 1.71 -1.80
CA THR A 26 0.99 2.73 -2.02
C THR A 26 1.20 3.46 -3.34
N ILE A 27 2.47 3.62 -3.72
CA ILE A 27 2.82 4.29 -4.98
C ILE A 27 2.76 3.32 -6.15
N LEU A 28 3.12 2.07 -5.89
CA LEU A 28 3.12 1.04 -6.93
C LEU A 28 1.69 0.69 -7.34
N THR A 29 0.77 0.78 -6.39
CA THR A 29 -0.63 0.47 -6.65
C THR A 29 -1.13 1.19 -7.90
N VAL A 30 -0.56 2.36 -8.17
CA VAL A 30 -0.94 3.15 -9.33
C VAL A 30 -0.93 2.31 -10.59
N THR A 31 0.03 1.40 -10.69
CA THR A 31 0.15 0.52 -11.85
C THR A 31 -0.73 -0.72 -11.70
N LYS A 32 -0.76 -1.26 -10.49
CA LYS A 32 -1.56 -2.45 -10.21
C LYS A 32 -3.01 -2.25 -10.65
N PHE A 33 -3.46 -1.00 -10.62
CA PHE A 33 -4.83 -0.67 -11.01
C PHE A 33 -5.16 -1.30 -12.37
N ARG A 34 -4.17 -1.34 -13.25
CA ARG A 34 -4.36 -1.91 -14.58
C ARG A 34 -4.98 -3.30 -14.50
N GLY A 35 -4.62 -4.04 -13.46
CA GLY A 35 -5.15 -5.38 -13.28
C GLY A 35 -6.67 -5.41 -13.31
N PHE A 36 -7.28 -4.28 -12.96
CA PHE A 36 -8.74 -4.19 -12.94
C PHE A 36 -9.34 -4.72 -14.24
N CYS A 37 -8.63 -4.49 -15.34
CA CYS A 37 -9.08 -4.95 -16.65
C CYS A 37 -9.46 -6.42 -16.61
N PHE A 38 -8.69 -7.20 -15.85
CA PHE A 38 -8.95 -8.63 -15.74
C PHE A 38 -10.27 -8.90 -15.01
N ILE A 39 -10.45 -8.25 -13.88
CA ILE A 39 -11.67 -8.41 -13.09
C ILE A 39 -12.91 -8.22 -13.95
N CYS A 40 -12.81 -7.35 -14.94
CA CYS A 40 -13.92 -7.08 -15.84
C CYS A 40 -14.51 -8.37 -16.39
N TYR A 41 -13.67 -9.17 -17.02
CA TYR A 41 -14.11 -10.45 -17.59
C TYR A 41 -14.13 -11.54 -16.52
N LYS A 42 -13.17 -11.49 -15.61
CA LYS A 42 -13.09 -12.48 -14.54
C LYS A 42 -14.41 -12.57 -13.78
N THR A 43 -15.06 -11.42 -13.60
CA THR A 43 -16.34 -11.39 -12.89
C THR A 43 -17.33 -12.40 -13.46
N ALA A 44 -17.24 -12.63 -14.77
CA ALA A 44 -18.12 -13.57 -15.44
C ALA A 44 -18.03 -14.96 -14.79
N GLN A 45 -16.84 -15.32 -14.35
CA GLN A 45 -16.62 -16.61 -13.71
C GLN A 45 -17.37 -16.70 -12.38
N ARG A 46 -17.49 -15.57 -11.71
CA ARG A 46 -18.19 -15.51 -10.43
C ARG A 46 -19.63 -16.02 -10.57
N LEU A 47 -20.21 -15.82 -11.74
CA LEU A 47 -21.57 -16.26 -12.00
C LEU A 47 -21.59 -17.65 -12.62
N VAL A 48 -20.87 -17.81 -13.73
CA VAL A 48 -20.80 -19.08 -14.42
C VAL A 48 -20.35 -20.20 -13.48
N PHE A 49 -19.50 -19.84 -12.51
CA PHE A 49 -19.00 -20.81 -11.54
C PHE A 49 -18.98 -20.21 -10.14
N LYS A 50 -18.95 -21.08 -9.13
CA LYS A 50 -18.93 -20.64 -7.74
C LYS A 50 -17.60 -20.98 -7.08
N MET A 1 18.30 18.57 24.43
CA MET A 1 17.03 18.13 23.86
C MET A 1 17.20 17.75 22.39
N GLU A 2 17.71 18.68 21.60
CA GLU A 2 17.91 18.45 20.18
C GLU A 2 18.94 17.36 19.95
N GLU A 3 19.96 17.32 20.81
CA GLU A 3 21.01 16.31 20.71
C GLU A 3 20.55 14.98 21.29
N VAL A 4 19.52 15.02 22.12
CA VAL A 4 18.98 13.82 22.74
C VAL A 4 17.99 13.12 21.83
N LEU A 5 17.11 13.91 21.21
CA LEU A 5 16.10 13.38 20.30
C LEU A 5 16.76 12.55 19.20
N LYS A 6 17.93 12.98 18.76
CA LYS A 6 18.66 12.28 17.71
C LYS A 6 18.76 10.79 18.01
N SER A 7 18.85 10.46 19.31
CA SER A 7 18.97 9.07 19.73
C SER A 7 17.75 8.26 19.29
N LEU A 8 16.58 8.90 19.34
CA LEU A 8 15.34 8.24 18.94
C LEU A 8 15.12 8.34 17.43
N LYS A 9 15.62 9.43 16.84
CA LYS A 9 15.48 9.65 15.41
C LYS A 9 15.97 8.42 14.62
N PHE A 10 16.96 7.74 15.16
CA PHE A 10 17.51 6.55 14.52
C PHE A 10 16.60 5.34 14.73
N SER A 11 16.41 4.97 16.00
CA SER A 11 15.56 3.83 16.33
C SER A 11 14.20 3.96 15.69
N LEU A 12 13.55 5.10 15.90
CA LEU A 12 12.23 5.34 15.33
C LEU A 12 12.22 5.10 13.83
N PHE A 13 13.26 5.58 13.16
CA PHE A 13 13.38 5.41 11.71
C PHE A 13 13.16 3.96 11.31
N ILE A 14 13.62 3.05 12.16
CA ILE A 14 13.47 1.62 11.90
C ILE A 14 12.00 1.25 11.67
N VAL A 15 11.15 1.65 12.61
CA VAL A 15 9.72 1.37 12.51
C VAL A 15 9.07 2.19 11.41
N CYS A 16 9.33 3.49 11.42
CA CYS A 16 8.78 4.40 10.43
C CYS A 16 9.04 3.89 9.00
N THR A 17 10.26 3.40 8.78
CA THR A 17 10.64 2.89 7.47
C THR A 17 9.83 1.64 7.12
N VAL A 18 9.66 0.76 8.09
CA VAL A 18 8.90 -0.47 7.88
C VAL A 18 7.47 -0.17 7.45
N THR A 19 6.91 0.91 7.99
CA THR A 19 5.54 1.31 7.66
C THR A 19 5.36 1.46 6.15
N LEU A 20 6.20 2.31 5.55
CA LEU A 20 6.13 2.56 4.11
C LEU A 20 6.15 1.24 3.35
N THR A 21 7.00 0.32 3.76
CA THR A 21 7.11 -0.98 3.11
C THR A 21 5.74 -1.62 2.92
N LEU A 22 4.95 -1.62 3.98
CA LEU A 22 3.61 -2.20 3.94
C LEU A 22 2.77 -1.54 2.84
N PHE A 23 2.80 -0.21 2.81
CA PHE A 23 2.04 0.55 1.81
C PHE A 23 2.55 0.25 0.40
N LEU A 24 3.87 0.18 0.26
CA LEU A 24 4.49 -0.09 -1.03
C LEU A 24 3.90 -1.35 -1.67
N MET A 25 3.80 -2.41 -0.88
CA MET A 25 3.25 -3.67 -1.35
C MET A 25 1.90 -3.45 -2.03
N THR A 26 1.13 -2.50 -1.51
CA THR A 26 -0.19 -2.19 -2.06
C THR A 26 -0.08 -1.27 -3.27
N ILE A 27 0.82 -0.28 -3.18
CA ILE A 27 1.03 0.66 -4.26
C ILE A 27 1.61 -0.03 -5.49
N LEU A 28 2.28 -1.16 -5.27
CA LEU A 28 2.89 -1.91 -6.37
C LEU A 28 1.88 -2.15 -7.49
N THR A 29 0.75 -2.74 -7.14
CA THR A 29 -0.30 -3.01 -8.12
C THR A 29 -1.07 -1.75 -8.48
N VAL A 30 -1.21 -0.86 -7.51
CA VAL A 30 -1.92 0.40 -7.73
C VAL A 30 -1.39 1.13 -8.96
N THR A 31 -0.09 0.98 -9.21
CA THR A 31 0.54 1.63 -10.35
C THR A 31 -0.24 1.36 -11.63
N LYS A 32 -0.88 0.20 -11.70
CA LYS A 32 -1.67 -0.17 -12.87
C LYS A 32 -2.65 0.94 -13.24
N PHE A 33 -3.13 1.65 -12.23
CA PHE A 33 -4.08 2.75 -12.45
C PHE A 33 -3.35 4.06 -12.71
N ARG A 34 -2.39 4.37 -11.85
CA ARG A 34 -1.62 5.59 -11.98
C ARG A 34 -1.02 5.72 -13.38
N GLY A 35 -0.62 4.58 -13.94
CA GLY A 35 -0.04 4.58 -15.28
C GLY A 35 -0.90 5.29 -16.29
N PHE A 36 -2.21 5.08 -16.21
CA PHE A 36 -3.15 5.72 -17.13
C PHE A 36 -3.41 7.17 -16.73
N CYS A 37 -3.43 7.43 -15.44
CA CYS A 37 -3.67 8.78 -14.92
C CYS A 37 -2.72 9.78 -15.59
N PHE A 38 -1.50 9.34 -15.86
CA PHE A 38 -0.50 10.19 -16.48
C PHE A 38 -0.88 10.51 -17.93
N ILE A 39 -0.97 9.47 -18.75
CA ILE A 39 -1.32 9.64 -20.16
C ILE A 39 -2.59 10.47 -20.31
N CYS A 40 -3.48 10.37 -19.33
CA CYS A 40 -4.73 11.11 -19.34
C CYS A 40 -4.49 12.59 -19.62
N TYR A 41 -3.71 13.22 -18.76
CA TYR A 41 -3.39 14.64 -18.90
C TYR A 41 -2.24 14.84 -19.87
N LYS A 42 -1.27 13.94 -19.81
CA LYS A 42 -0.10 14.02 -20.69
C LYS A 42 -0.51 14.14 -22.15
N THR A 43 -1.61 13.49 -22.50
CA THR A 43 -2.12 13.52 -23.87
C THR A 43 -2.77 14.87 -24.17
N ALA A 44 -3.66 15.30 -23.28
CA ALA A 44 -4.36 16.57 -23.45
C ALA A 44 -3.37 17.73 -23.49
N GLN A 45 -2.32 17.65 -22.69
CA GLN A 45 -1.31 18.70 -22.63
C GLN A 45 -0.68 18.91 -24.01
N ARG A 46 -0.05 17.88 -24.53
CA ARG A 46 0.59 17.96 -25.85
C ARG A 46 -0.41 18.37 -26.92
N LEU A 47 -1.64 17.92 -26.77
CA LEU A 47 -2.70 18.24 -27.73
C LEU A 47 -2.91 19.75 -27.81
N VAL A 48 -3.12 20.38 -26.65
CA VAL A 48 -3.34 21.82 -26.58
C VAL A 48 -2.18 22.57 -27.21
N PHE A 49 -0.97 22.02 -27.06
CA PHE A 49 0.23 22.65 -27.61
C PHE A 49 0.32 24.11 -27.19
N LYS A 50 0.54 24.34 -25.90
CA LYS A 50 0.65 25.68 -25.36
C LYS A 50 1.66 26.50 -26.14
N MET A 1 2.79 -14.23 27.83
CA MET A 1 2.01 -13.04 28.14
C MET A 1 2.92 -11.88 28.55
N GLU A 2 4.01 -12.21 29.24
CA GLU A 2 4.96 -11.20 29.69
C GLU A 2 5.90 -10.80 28.56
N GLU A 3 6.59 -11.80 28.01
CA GLU A 3 7.54 -11.56 26.92
C GLU A 3 6.89 -10.75 25.80
N VAL A 4 5.63 -11.05 25.51
CA VAL A 4 4.89 -10.36 24.47
C VAL A 4 4.60 -8.92 24.87
N LEU A 5 4.18 -8.72 26.11
CA LEU A 5 3.88 -7.40 26.61
C LEU A 5 5.08 -6.47 26.50
N LYS A 6 6.27 -7.04 26.65
CA LYS A 6 7.50 -6.27 26.56
C LYS A 6 7.89 -6.04 25.10
N SER A 7 7.59 -7.01 24.25
CA SER A 7 7.91 -6.91 22.83
C SER A 7 7.00 -5.90 22.14
N LEU A 8 5.70 -5.96 22.44
CA LEU A 8 4.73 -5.05 21.86
C LEU A 8 5.18 -3.60 22.02
N LYS A 9 5.89 -3.32 23.10
CA LYS A 9 6.38 -1.98 23.37
C LYS A 9 7.23 -1.47 22.21
N PHE A 10 8.15 -2.32 21.75
CA PHE A 10 9.03 -1.96 20.64
C PHE A 10 8.36 -2.23 19.29
N SER A 11 7.70 -3.37 19.20
CA SER A 11 7.02 -3.76 17.97
C SER A 11 6.11 -2.63 17.47
N LEU A 12 5.39 -2.02 18.41
CA LEU A 12 4.48 -0.93 18.07
C LEU A 12 5.18 0.13 17.23
N PHE A 13 6.27 0.67 17.77
CA PHE A 13 7.04 1.70 17.07
C PHE A 13 7.54 1.19 15.72
N ILE A 14 7.94 -0.08 15.70
CA ILE A 14 8.44 -0.70 14.47
C ILE A 14 7.34 -0.77 13.41
N VAL A 15 6.11 -1.04 13.85
CA VAL A 15 4.98 -1.14 12.94
C VAL A 15 4.89 0.09 12.04
N CYS A 16 5.04 1.27 12.63
CA CYS A 16 4.98 2.51 11.88
C CYS A 16 5.97 2.50 10.72
N THR A 17 7.19 2.04 10.99
CA THR A 17 8.23 1.98 9.97
C THR A 17 7.93 0.90 8.94
N VAL A 18 7.52 -0.27 9.42
CA VAL A 18 7.19 -1.38 8.53
C VAL A 18 6.04 -1.03 7.61
N THR A 19 5.11 -0.22 8.12
CA THR A 19 3.95 0.19 7.34
C THR A 19 4.36 0.75 5.98
N LEU A 20 5.24 1.76 6.02
CA LEU A 20 5.73 2.40 4.79
C LEU A 20 6.23 1.34 3.81
N THR A 21 7.06 0.43 4.29
CA THR A 21 7.62 -0.62 3.46
C THR A 21 6.53 -1.31 2.64
N LEU A 22 5.45 -1.68 3.33
CA LEU A 22 4.33 -2.36 2.67
C LEU A 22 3.69 -1.46 1.61
N PHE A 23 3.46 -0.21 1.98
CA PHE A 23 2.86 0.76 1.06
C PHE A 23 3.71 0.92 -0.19
N LEU A 24 5.01 1.08 0.00
CA LEU A 24 5.94 1.26 -1.11
C LEU A 24 5.82 0.09 -2.10
N MET A 25 5.85 -1.12 -1.57
CA MET A 25 5.74 -2.31 -2.41
C MET A 25 4.43 -2.32 -3.19
N THR A 26 3.38 -1.79 -2.57
CA THR A 26 2.07 -1.73 -3.20
C THR A 26 2.07 -0.76 -4.38
N ILE A 27 2.93 0.25 -4.31
CA ILE A 27 3.03 1.24 -5.37
C ILE A 27 3.12 0.57 -6.74
N LEU A 28 3.76 -0.59 -6.78
CA LEU A 28 3.92 -1.33 -8.03
C LEU A 28 2.56 -1.58 -8.69
N THR A 29 1.59 -2.02 -7.90
CA THR A 29 0.25 -2.29 -8.41
C THR A 29 -0.61 -1.03 -8.38
N VAL A 30 -0.35 -0.17 -7.40
CA VAL A 30 -1.11 1.06 -7.26
C VAL A 30 -1.17 1.83 -8.58
N THR A 31 -0.05 1.84 -9.29
CA THR A 31 0.02 2.53 -10.57
C THR A 31 -1.08 2.07 -11.51
N LYS A 32 -1.12 0.78 -11.77
CA LYS A 32 -2.14 0.20 -12.65
C LYS A 32 -3.53 0.32 -12.04
N PHE A 33 -3.58 0.32 -10.71
CA PHE A 33 -4.86 0.42 -10.01
C PHE A 33 -5.66 1.61 -10.51
N ARG A 34 -4.95 2.65 -10.95
CA ARG A 34 -5.60 3.85 -11.47
C ARG A 34 -6.68 3.50 -12.48
N GLY A 35 -6.43 2.44 -13.25
CA GLY A 35 -7.39 2.02 -14.26
C GLY A 35 -8.75 1.71 -13.68
N PHE A 36 -8.76 0.99 -12.56
CA PHE A 36 -10.02 0.62 -11.91
C PHE A 36 -10.48 1.73 -10.97
N CYS A 37 -9.53 2.47 -10.41
CA CYS A 37 -9.83 3.56 -9.49
C CYS A 37 -10.90 4.48 -10.09
N PHE A 38 -10.73 4.82 -11.36
CA PHE A 38 -11.68 5.70 -12.05
C PHE A 38 -13.09 5.10 -12.03
N ILE A 39 -13.23 3.93 -12.66
CA ILE A 39 -14.51 3.26 -12.72
C ILE A 39 -15.11 3.08 -11.33
N CYS A 40 -14.24 2.82 -10.35
CA CYS A 40 -14.68 2.63 -8.97
C CYS A 40 -15.57 3.77 -8.51
N TYR A 41 -15.02 4.99 -8.52
CA TYR A 41 -15.77 6.16 -8.10
C TYR A 41 -16.81 6.54 -9.15
N LYS A 42 -16.44 6.39 -10.42
CA LYS A 42 -17.34 6.72 -11.53
C LYS A 42 -18.68 5.99 -11.38
N THR A 43 -18.61 4.71 -11.04
CA THR A 43 -19.81 3.90 -10.88
C THR A 43 -20.37 4.04 -9.46
N ALA A 44 -19.47 4.17 -8.49
CA ALA A 44 -19.87 4.31 -7.09
C ALA A 44 -20.87 5.44 -6.92
N GLN A 45 -20.77 6.45 -7.77
CA GLN A 45 -21.67 7.59 -7.71
C GLN A 45 -23.12 7.13 -7.66
N ARG A 46 -23.56 6.44 -8.71
CA ARG A 46 -24.92 5.95 -8.79
C ARG A 46 -25.19 4.88 -7.73
N LEU A 47 -24.16 4.07 -7.45
CA LEU A 47 -24.28 3.02 -6.46
C LEU A 47 -24.69 3.59 -5.10
N VAL A 48 -24.21 4.78 -4.80
CA VAL A 48 -24.53 5.44 -3.54
C VAL A 48 -26.03 5.58 -3.36
N PHE A 49 -26.73 5.80 -4.47
CA PHE A 49 -28.19 5.95 -4.42
C PHE A 49 -28.88 4.62 -4.69
N LYS A 50 -29.47 4.04 -3.65
CA LYS A 50 -30.17 2.77 -3.77
C LYS A 50 -31.68 2.98 -3.84
N MET A 1 3.66 5.05 29.88
CA MET A 1 4.14 5.58 28.61
C MET A 1 5.62 5.93 28.67
N GLU A 2 6.04 6.47 29.82
CA GLU A 2 7.43 6.86 30.00
C GLU A 2 8.36 5.65 29.90
N GLU A 3 7.87 4.51 30.39
CA GLU A 3 8.65 3.28 30.35
C GLU A 3 8.70 2.71 28.93
N VAL A 4 7.57 2.81 28.23
CA VAL A 4 7.48 2.30 26.86
C VAL A 4 8.32 3.14 25.90
N LEU A 5 8.26 4.46 26.06
CA LEU A 5 9.01 5.38 25.22
C LEU A 5 10.48 4.97 25.16
N LYS A 6 11.02 4.55 26.29
CA LYS A 6 12.41 4.13 26.37
C LYS A 6 12.74 3.11 25.29
N SER A 7 11.88 2.11 25.14
CA SER A 7 12.07 1.07 24.14
C SER A 7 11.62 1.55 22.77
N LEU A 8 10.52 2.28 22.74
CA LEU A 8 9.97 2.81 21.49
C LEU A 8 10.99 3.68 20.78
N LYS A 9 11.85 4.34 21.56
CA LYS A 9 12.87 5.21 21.00
C LYS A 9 13.64 4.51 19.89
N PHE A 10 14.03 3.27 20.15
CA PHE A 10 14.77 2.49 19.16
C PHE A 10 13.83 1.79 18.19
N SER A 11 12.76 1.20 18.72
CA SER A 11 11.79 0.49 17.90
C SER A 11 11.29 1.39 16.76
N LEU A 12 11.15 2.68 17.05
CA LEU A 12 10.69 3.64 16.05
C LEU A 12 11.51 3.53 14.77
N PHE A 13 12.83 3.54 14.92
CA PHE A 13 13.74 3.45 13.78
C PHE A 13 13.32 2.31 12.85
N ILE A 14 13.25 1.10 13.39
CA ILE A 14 12.87 -0.08 12.62
C ILE A 14 11.47 0.10 12.03
N VAL A 15 10.51 0.46 12.89
CA VAL A 15 9.13 0.65 12.44
C VAL A 15 9.06 1.59 11.25
N CYS A 16 9.85 2.66 11.29
CA CYS A 16 9.88 3.64 10.21
C CYS A 16 10.15 2.96 8.88
N THR A 17 10.98 1.92 8.90
CA THR A 17 11.33 1.18 7.68
C THR A 17 10.20 0.25 7.27
N VAL A 18 9.61 -0.43 8.25
CA VAL A 18 8.52 -1.36 7.99
C VAL A 18 7.28 -0.62 7.49
N THR A 19 7.08 0.60 7.98
CA THR A 19 5.94 1.41 7.59
C THR A 19 5.82 1.49 6.07
N LEU A 20 6.84 2.07 5.43
CA LEU A 20 6.85 2.22 3.98
C LEU A 20 6.56 0.88 3.31
N THR A 21 7.26 -0.15 3.75
CA THR A 21 7.08 -1.49 3.18
C THR A 21 5.61 -1.86 3.08
N LEU A 22 4.93 -1.85 4.23
CA LEU A 22 3.51 -2.18 4.28
C LEU A 22 2.73 -1.35 3.27
N PHE A 23 3.12 -0.10 3.10
CA PHE A 23 2.46 0.80 2.17
C PHE A 23 2.80 0.43 0.72
N LEU A 24 3.98 -0.14 0.52
CA LEU A 24 4.43 -0.53 -0.81
C LEU A 24 3.35 -1.36 -1.51
N MET A 25 2.67 -2.21 -0.76
CA MET A 25 1.61 -3.04 -1.31
C MET A 25 0.63 -2.21 -2.12
N THR A 26 0.34 -1.01 -1.64
CA THR A 26 -0.58 -0.11 -2.32
C THR A 26 0.11 0.67 -3.43
N ILE A 27 1.28 1.20 -3.13
CA ILE A 27 2.05 1.96 -4.11
C ILE A 27 2.22 1.18 -5.41
N LEU A 28 2.37 -0.14 -5.28
CA LEU A 28 2.54 -1.00 -6.44
C LEU A 28 1.26 -1.08 -7.26
N THR A 29 0.12 -1.15 -6.57
CA THR A 29 -1.17 -1.23 -7.22
C THR A 29 -1.55 0.11 -7.85
N VAL A 30 -1.18 1.19 -7.18
CA VAL A 30 -1.48 2.53 -7.67
C VAL A 30 -1.03 2.71 -9.12
N THR A 31 0.14 2.15 -9.43
CA THR A 31 0.69 2.24 -10.77
C THR A 31 0.11 1.16 -11.69
N LYS A 32 -0.03 -0.04 -11.14
CA LYS A 32 -0.58 -1.17 -11.89
C LYS A 32 -1.91 -0.79 -12.54
N PHE A 33 -2.70 0.00 -11.82
CA PHE A 33 -4.00 0.43 -12.32
C PHE A 33 -3.84 1.37 -13.52
N ARG A 34 -2.81 2.20 -13.47
CA ARG A 34 -2.55 3.16 -14.55
C ARG A 34 -2.52 2.44 -15.90
N GLY A 35 -2.01 1.22 -15.91
CA GLY A 35 -1.93 0.45 -17.14
C GLY A 35 -3.25 0.39 -17.87
N PHE A 36 -4.33 0.20 -17.11
CA PHE A 36 -5.66 0.10 -17.69
C PHE A 36 -5.96 1.33 -18.56
N CYS A 37 -5.47 2.49 -18.12
CA CYS A 37 -5.68 3.73 -18.85
C CYS A 37 -5.21 3.60 -20.30
N PHE A 38 -4.04 3.00 -20.48
CA PHE A 38 -3.48 2.81 -21.81
C PHE A 38 -4.39 1.96 -22.68
N ILE A 39 -4.86 0.85 -22.12
CA ILE A 39 -5.75 -0.05 -22.85
C ILE A 39 -6.93 0.71 -23.45
N CYS A 40 -7.36 1.76 -22.77
CA CYS A 40 -8.48 2.58 -23.25
C CYS A 40 -8.28 2.99 -24.71
N TYR A 41 -7.15 3.65 -24.98
CA TYR A 41 -6.85 4.10 -26.33
C TYR A 41 -6.21 2.98 -27.14
N LYS A 42 -5.39 2.16 -26.49
CA LYS A 42 -4.72 1.06 -27.14
C LYS A 42 -5.73 0.16 -27.85
N THR A 43 -6.82 -0.16 -27.18
CA THR A 43 -7.86 -1.00 -27.75
C THR A 43 -8.31 -0.49 -29.12
N ALA A 44 -8.57 0.82 -29.19
CA ALA A 44 -8.99 1.44 -30.44
C ALA A 44 -8.00 1.14 -31.56
N GLN A 45 -6.72 1.14 -31.23
CA GLN A 45 -5.68 0.87 -32.22
C GLN A 45 -5.85 -0.53 -32.83
N ARG A 46 -5.79 -1.54 -31.97
CA ARG A 46 -5.94 -2.92 -32.42
C ARG A 46 -7.30 -3.14 -33.08
N LEU A 47 -8.31 -2.49 -32.55
CA LEU A 47 -9.67 -2.61 -33.08
C LEU A 47 -9.68 -2.34 -34.59
N VAL A 48 -8.85 -1.42 -35.03
CA VAL A 48 -8.76 -1.06 -36.44
C VAL A 48 -7.66 -1.86 -37.14
N PHE A 49 -6.59 -2.16 -36.39
CA PHE A 49 -5.47 -2.92 -36.93
C PHE A 49 -5.80 -4.40 -37.00
N LYS A 50 -5.72 -4.96 -38.21
CA LYS A 50 -6.00 -6.38 -38.41
C LYS A 50 -4.89 -7.25 -37.84
N MET A 1 27.93 15.14 17.11
CA MET A 1 26.50 14.92 16.99
C MET A 1 26.18 14.03 15.78
N GLU A 2 26.95 14.21 14.71
CA GLU A 2 26.76 13.43 13.50
C GLU A 2 27.05 11.95 13.75
N GLU A 3 28.03 11.68 14.61
CA GLU A 3 28.40 10.30 14.94
C GLU A 3 27.45 9.72 15.98
N VAL A 4 26.77 10.60 16.71
CA VAL A 4 25.83 10.17 17.74
C VAL A 4 24.45 9.88 17.14
N LEU A 5 23.99 10.78 16.27
CA LEU A 5 22.69 10.62 15.63
C LEU A 5 22.58 9.25 14.96
N LYS A 6 23.70 8.76 14.44
CA LYS A 6 23.72 7.46 13.78
C LYS A 6 23.08 6.39 14.65
N SER A 7 23.18 6.56 15.96
CA SER A 7 22.62 5.60 16.91
C SER A 7 21.11 5.48 16.71
N LEU A 8 20.41 6.61 16.77
CA LEU A 8 18.97 6.63 16.59
C LEU A 8 18.59 6.46 15.12
N LYS A 9 19.45 6.97 14.24
CA LYS A 9 19.21 6.88 12.81
C LYS A 9 18.97 5.43 12.39
N PHE A 10 19.85 4.54 12.81
CA PHE A 10 19.74 3.12 12.48
C PHE A 10 18.43 2.55 13.02
N SER A 11 18.28 2.60 14.35
CA SER A 11 17.08 2.09 15.00
C SER A 11 15.82 2.63 14.34
N LEU A 12 15.69 3.96 14.33
CA LEU A 12 14.54 4.61 13.73
C LEU A 12 14.31 4.11 12.31
N PHE A 13 15.38 4.03 11.53
CA PHE A 13 15.29 3.56 10.15
C PHE A 13 14.51 2.25 10.06
N ILE A 14 14.68 1.41 11.08
CA ILE A 14 13.99 0.13 11.12
C ILE A 14 12.48 0.31 10.99
N VAL A 15 11.92 1.19 11.80
CA VAL A 15 10.49 1.47 11.77
C VAL A 15 10.10 2.25 10.53
N CYS A 16 10.82 3.34 10.27
CA CYS A 16 10.55 4.19 9.12
C CYS A 16 10.51 3.36 7.84
N THR A 17 11.38 2.36 7.75
CA THR A 17 11.44 1.49 6.59
C THR A 17 10.21 0.58 6.52
N VAL A 18 9.91 -0.08 7.63
CA VAL A 18 8.76 -0.97 7.69
C VAL A 18 7.48 -0.26 7.31
N THR A 19 7.38 1.01 7.68
CA THR A 19 6.20 1.82 7.38
C THR A 19 5.90 1.81 5.88
N LEU A 20 6.83 2.34 5.10
CA LEU A 20 6.66 2.40 3.65
C LEU A 20 6.30 1.03 3.09
N THR A 21 6.93 -0.01 3.64
CA THR A 21 6.68 -1.38 3.19
C THR A 21 5.19 -1.67 3.13
N LEU A 22 4.48 -1.36 4.22
CA LEU A 22 3.04 -1.58 4.29
C LEU A 22 2.33 -0.91 3.12
N PHE A 23 2.68 0.35 2.86
CA PHE A 23 2.07 1.09 1.77
C PHE A 23 2.45 0.50 0.42
N LEU A 24 3.68 0.01 0.32
CA LEU A 24 4.16 -0.59 -0.92
C LEU A 24 3.20 -1.64 -1.44
N MET A 25 2.68 -2.47 -0.52
CA MET A 25 1.73 -3.52 -0.89
C MET A 25 0.60 -2.95 -1.75
N THR A 26 0.16 -1.74 -1.42
CA THR A 26 -0.92 -1.09 -2.16
C THR A 26 -0.38 -0.36 -3.39
N ILE A 27 0.71 0.37 -3.20
CA ILE A 27 1.32 1.11 -4.30
C ILE A 27 1.57 0.21 -5.50
N LEU A 28 1.88 -1.06 -5.24
CA LEU A 28 2.13 -2.02 -6.30
C LEU A 28 1.01 -2.02 -7.32
N THR A 29 -0.23 -2.02 -6.84
CA THR A 29 -1.39 -2.01 -7.72
C THR A 29 -1.78 -0.59 -8.11
N VAL A 30 -1.69 0.33 -7.15
CA VAL A 30 -2.02 1.73 -7.40
C VAL A 30 -1.20 2.29 -8.56
N THR A 31 0.05 1.85 -8.67
CA THR A 31 0.93 2.31 -9.74
C THR A 31 0.74 1.47 -11.00
N LYS A 32 0.52 0.18 -10.83
CA LYS A 32 0.32 -0.72 -11.95
C LYS A 32 -0.78 -0.21 -12.87
N PHE A 33 -1.83 0.35 -12.29
CA PHE A 33 -2.94 0.90 -13.06
C PHE A 33 -2.67 2.33 -13.48
N ARG A 34 -2.34 3.18 -12.50
CA ARG A 34 -2.07 4.58 -12.76
C ARG A 34 -1.06 4.73 -13.89
N GLY A 35 -0.12 3.79 -13.99
CA GLY A 35 0.88 3.84 -15.03
C GLY A 35 0.27 4.01 -16.41
N PHE A 36 -0.67 3.14 -16.75
CA PHE A 36 -1.34 3.19 -18.05
C PHE A 36 -1.86 4.59 -18.33
N CYS A 37 -2.34 5.26 -17.28
CA CYS A 37 -2.88 6.61 -17.42
C CYS A 37 -1.80 7.58 -17.89
N PHE A 38 -0.58 7.39 -17.41
CA PHE A 38 0.54 8.25 -17.78
C PHE A 38 0.87 8.10 -19.27
N ILE A 39 0.96 6.85 -19.72
CA ILE A 39 1.27 6.57 -21.12
C ILE A 39 0.37 7.36 -22.05
N CYS A 40 -0.86 7.60 -21.61
CA CYS A 40 -1.83 8.36 -22.40
C CYS A 40 -1.23 9.66 -22.91
N TYR A 41 -0.80 10.51 -21.99
CA TYR A 41 -0.20 11.79 -22.35
C TYR A 41 1.28 11.62 -22.69
N LYS A 42 1.96 10.75 -21.95
CA LYS A 42 3.37 10.50 -22.17
C LYS A 42 3.65 10.17 -23.64
N THR A 43 2.70 9.49 -24.27
CA THR A 43 2.84 9.12 -25.68
C THR A 43 2.49 10.28 -26.59
N ALA A 44 1.50 11.08 -26.17
CA ALA A 44 1.07 12.23 -26.96
C ALA A 44 2.14 13.31 -26.99
N GLN A 45 2.93 13.39 -25.92
CA GLN A 45 4.00 14.38 -25.83
C GLN A 45 5.13 14.05 -26.79
N ARG A 46 5.57 12.79 -26.76
CA ARG A 46 6.65 12.33 -27.62
C ARG A 46 6.24 12.38 -29.09
N LEU A 47 4.97 12.08 -29.35
CA LEU A 47 4.45 12.08 -30.71
C LEU A 47 4.69 13.44 -31.37
N VAL A 48 4.59 14.51 -30.60
CA VAL A 48 4.80 15.85 -31.11
C VAL A 48 6.27 16.11 -31.39
N PHE A 49 7.14 15.47 -30.61
CA PHE A 49 8.58 15.63 -30.78
C PHE A 49 9.02 15.19 -32.16
N LYS A 50 8.96 13.88 -32.42
CA LYS A 50 9.34 13.33 -33.70
C LYS A 50 10.76 13.74 -34.06
N MET A 1 -6.19 3.04 31.57
CA MET A 1 -5.92 2.38 30.30
C MET A 1 -5.30 3.35 29.31
N GLU A 2 -5.73 4.61 29.36
CA GLU A 2 -5.19 5.63 28.46
C GLU A 2 -3.67 5.75 28.61
N GLU A 3 -3.23 5.99 29.84
CA GLU A 3 -1.80 6.13 30.12
C GLU A 3 -1.01 5.02 29.44
N VAL A 4 -1.29 3.78 29.82
CA VAL A 4 -0.61 2.62 29.25
C VAL A 4 -0.53 2.72 27.73
N LEU A 5 -1.65 3.10 27.11
CA LEU A 5 -1.70 3.23 25.66
C LEU A 5 -0.55 4.09 25.15
N LYS A 6 -0.39 5.27 25.72
CA LYS A 6 0.69 6.18 25.33
C LYS A 6 2.04 5.46 25.36
N SER A 7 2.16 4.47 26.22
CA SER A 7 3.40 3.71 26.35
C SER A 7 3.58 2.77 25.17
N LEU A 8 2.47 2.21 24.68
CA LEU A 8 2.51 1.29 23.55
C LEU A 8 3.18 1.93 22.34
N LYS A 9 3.01 3.24 22.21
CA LYS A 9 3.60 3.98 21.10
C LYS A 9 5.09 3.65 20.96
N PHE A 10 5.74 3.37 22.07
CA PHE A 10 7.15 3.03 22.07
C PHE A 10 7.45 1.93 21.06
N SER A 11 6.80 0.78 21.23
CA SER A 11 6.99 -0.35 20.33
C SER A 11 6.15 -0.20 19.07
N LEU A 12 4.99 0.44 19.21
CA LEU A 12 4.09 0.65 18.08
C LEU A 12 4.80 1.41 16.96
N PHE A 13 5.57 2.43 17.34
CA PHE A 13 6.31 3.24 16.37
C PHE A 13 7.07 2.34 15.39
N ILE A 14 7.76 1.34 15.92
CA ILE A 14 8.52 0.41 15.09
C ILE A 14 7.67 -0.14 13.96
N VAL A 15 6.48 -0.60 14.30
CA VAL A 15 5.56 -1.15 13.30
C VAL A 15 5.06 -0.08 12.35
N CYS A 16 4.68 1.07 12.91
CA CYS A 16 4.18 2.18 12.11
C CYS A 16 5.14 2.51 10.97
N THR A 17 6.43 2.32 11.21
CA THR A 17 7.44 2.60 10.20
C THR A 17 7.51 1.48 9.18
N VAL A 18 7.30 0.25 9.63
CA VAL A 18 7.33 -0.91 8.74
C VAL A 18 6.22 -0.84 7.71
N THR A 19 5.08 -0.28 8.10
CA THR A 19 3.93 -0.15 7.20
C THR A 19 4.34 0.48 5.88
N LEU A 20 5.12 1.55 5.96
CA LEU A 20 5.58 2.25 4.75
C LEU A 20 6.22 1.26 3.77
N THR A 21 7.14 0.45 4.27
CA THR A 21 7.81 -0.54 3.42
C THR A 21 6.81 -1.36 2.61
N LEU A 22 5.73 -1.78 3.28
CA LEU A 22 4.70 -2.57 2.62
C LEU A 22 3.98 -1.74 1.56
N PHE A 23 3.58 -0.53 1.92
CA PHE A 23 2.89 0.35 1.00
C PHE A 23 3.74 0.63 -0.24
N LEU A 24 5.03 0.86 -0.02
CA LEU A 24 5.95 1.14 -1.12
C LEU A 24 5.89 0.04 -2.18
N MET A 25 5.97 -1.20 -1.72
CA MET A 25 5.92 -2.35 -2.62
C MET A 25 4.60 -2.38 -3.39
N THR A 26 3.53 -1.92 -2.75
CA THR A 26 2.21 -1.89 -3.37
C THR A 26 2.16 -0.89 -4.52
N ILE A 27 2.98 0.15 -4.42
CA ILE A 27 3.03 1.19 -5.44
C ILE A 27 3.13 0.57 -6.83
N LEU A 28 3.81 -0.57 -6.94
CA LEU A 28 3.97 -1.25 -8.20
C LEU A 28 2.62 -1.49 -8.87
N THR A 29 1.69 -2.06 -8.10
CA THR A 29 0.35 -2.35 -8.61
C THR A 29 -0.54 -1.12 -8.55
N VAL A 30 -0.31 -0.28 -7.54
CA VAL A 30 -1.10 0.93 -7.35
C VAL A 30 -1.15 1.75 -8.65
N THR A 31 -0.06 1.73 -9.40
CA THR A 31 0.01 2.47 -10.66
C THR A 31 -1.17 2.14 -11.55
N LYS A 32 -1.35 0.85 -11.85
CA LYS A 32 -2.45 0.40 -12.69
C LYS A 32 -3.78 0.54 -11.98
N PHE A 33 -3.76 0.33 -10.66
CA PHE A 33 -4.98 0.44 -9.85
C PHE A 33 -5.69 1.76 -10.11
N ARG A 34 -4.91 2.80 -10.40
CA ARG A 34 -5.47 4.12 -10.66
C ARG A 34 -6.59 4.04 -11.69
N GLY A 35 -6.44 3.13 -12.66
CA GLY A 35 -7.46 2.97 -13.68
C GLY A 35 -8.85 2.79 -13.10
N PHE A 36 -9.01 1.78 -12.25
CA PHE A 36 -10.30 1.51 -11.63
C PHE A 36 -10.56 2.47 -10.47
N CYS A 37 -9.50 2.84 -9.76
CA CYS A 37 -9.61 3.75 -8.63
C CYS A 37 -10.38 5.01 -9.02
N PHE A 38 -10.16 5.47 -10.24
CA PHE A 38 -10.85 6.67 -10.73
C PHE A 38 -12.35 6.43 -10.86
N ILE A 39 -12.72 5.44 -11.66
CA ILE A 39 -14.13 5.12 -11.85
C ILE A 39 -14.84 4.92 -10.52
N CYS A 40 -14.10 4.44 -9.53
CA CYS A 40 -14.66 4.20 -8.20
C CYS A 40 -15.09 5.52 -7.55
N TYR A 41 -14.24 6.54 -7.69
CA TYR A 41 -14.53 7.84 -7.10
C TYR A 41 -15.43 8.66 -8.02
N LYS A 42 -15.36 8.38 -9.31
CA LYS A 42 -16.18 9.10 -10.30
C LYS A 42 -17.65 9.07 -9.90
N THR A 43 -18.04 8.05 -9.13
CA THR A 43 -19.42 7.91 -8.69
C THR A 43 -19.66 8.71 -7.41
N ALA A 44 -18.70 8.67 -6.49
CA ALA A 44 -18.81 9.40 -5.23
C ALA A 44 -19.11 10.86 -5.47
N GLN A 45 -18.66 11.38 -6.61
CA GLN A 45 -18.89 12.78 -6.96
C GLN A 45 -20.36 13.15 -6.82
N ARG A 46 -21.20 12.48 -7.61
CA ARG A 46 -22.63 12.73 -7.57
C ARG A 46 -23.24 12.30 -6.24
N LEU A 47 -22.63 11.30 -5.63
CA LEU A 47 -23.11 10.79 -4.34
C LEU A 47 -22.99 11.86 -3.25
N VAL A 48 -21.96 12.70 -3.38
CA VAL A 48 -21.73 13.77 -2.41
C VAL A 48 -22.94 14.69 -2.31
N PHE A 49 -23.64 14.85 -3.42
CA PHE A 49 -24.82 15.71 -3.45
C PHE A 49 -26.07 14.94 -3.02
N LYS A 50 -27.05 15.67 -2.51
CA LYS A 50 -28.30 15.05 -2.05
C LYS A 50 -29.17 14.65 -3.23
N MET A 1 -0.14 5.09 29.02
CA MET A 1 -0.15 6.12 27.99
C MET A 1 1.10 7.00 28.09
N GLU A 2 1.25 7.69 29.22
CA GLU A 2 2.39 8.55 29.44
C GLU A 2 3.69 7.76 29.45
N GLU A 3 3.63 6.54 29.98
CA GLU A 3 4.80 5.66 30.06
C GLU A 3 5.13 5.08 28.69
N VAL A 4 4.10 4.71 27.94
CA VAL A 4 4.28 4.14 26.62
C VAL A 4 4.79 5.20 25.63
N LEU A 5 4.23 6.39 25.71
CA LEU A 5 4.64 7.49 24.83
C LEU A 5 6.15 7.67 24.85
N LYS A 6 6.74 7.53 26.04
CA LYS A 6 8.18 7.68 26.20
C LYS A 6 8.93 6.83 25.17
N SER A 7 8.53 5.57 25.05
CA SER A 7 9.16 4.65 24.11
C SER A 7 8.63 4.86 22.70
N LEU A 8 7.32 5.04 22.58
CA LEU A 8 6.68 5.25 21.29
C LEU A 8 7.30 6.44 20.57
N LYS A 9 7.80 7.39 21.33
CA LYS A 9 8.43 8.59 20.76
C LYS A 9 9.46 8.20 19.72
N PHE A 10 10.36 7.29 20.09
CA PHE A 10 11.42 6.84 19.18
C PHE A 10 10.91 5.71 18.29
N SER A 11 10.10 4.84 18.86
CA SER A 11 9.55 3.70 18.12
C SER A 11 8.81 4.17 16.87
N LEU A 12 8.13 5.31 16.98
CA LEU A 12 7.39 5.87 15.87
C LEU A 12 8.28 6.03 14.64
N PHE A 13 9.46 6.61 14.84
CA PHE A 13 10.40 6.82 13.75
C PHE A 13 10.58 5.54 12.94
N ILE A 14 10.98 4.46 13.62
CA ILE A 14 11.19 3.18 12.96
C ILE A 14 9.91 2.68 12.30
N VAL A 15 8.83 2.65 13.06
CA VAL A 15 7.54 2.20 12.55
C VAL A 15 7.18 2.92 11.26
N CYS A 16 7.43 4.23 11.23
CA CYS A 16 7.13 5.04 10.04
C CYS A 16 7.77 4.43 8.80
N THR A 17 8.88 3.75 8.98
CA THR A 17 9.59 3.11 7.88
C THR A 17 9.02 1.73 7.57
N VAL A 18 8.61 1.03 8.62
CA VAL A 18 8.04 -0.31 8.46
C VAL A 18 6.67 -0.25 7.81
N THR A 19 5.88 0.75 8.19
CA THR A 19 4.54 0.93 7.65
C THR A 19 4.59 1.23 6.16
N LEU A 20 5.62 1.95 5.74
CA LEU A 20 5.79 2.31 4.34
C LEU A 20 5.99 1.07 3.48
N THR A 21 6.82 0.15 3.95
CA THR A 21 7.10 -1.08 3.23
C THR A 21 5.81 -1.77 2.81
N LEU A 22 4.83 -1.79 3.72
CA LEU A 22 3.55 -2.42 3.44
C LEU A 22 2.83 -1.74 2.28
N PHE A 23 2.76 -0.41 2.35
CA PHE A 23 2.11 0.37 1.31
C PHE A 23 2.83 0.21 -0.02
N LEU A 24 4.15 0.39 0.00
CA LEU A 24 4.96 0.27 -1.20
C LEU A 24 4.67 -1.03 -1.93
N MET A 25 4.56 -2.12 -1.17
CA MET A 25 4.29 -3.43 -1.74
C MET A 25 3.06 -3.37 -2.67
N THR A 26 2.10 -2.51 -2.33
CA THR A 26 0.89 -2.35 -3.12
C THR A 26 1.11 -1.38 -4.26
N ILE A 27 1.91 -0.34 -4.01
CA ILE A 27 2.20 0.66 -5.02
C ILE A 27 2.65 0.01 -6.33
N LEU A 28 3.30 -1.14 -6.22
CA LEU A 28 3.78 -1.86 -7.39
C LEU A 28 2.66 -2.07 -8.40
N THR A 29 1.55 -2.60 -7.93
CA THR A 29 0.40 -2.85 -8.80
C THR A 29 -0.51 -1.64 -8.88
N VAL A 30 -0.66 -0.94 -7.75
CA VAL A 30 -1.50 0.25 -7.69
C VAL A 30 -1.05 1.29 -8.70
N THR A 31 0.25 1.31 -8.99
CA THR A 31 0.81 2.26 -9.94
C THR A 31 0.02 2.26 -11.24
N LYS A 32 -0.54 1.11 -11.59
CA LYS A 32 -1.33 0.98 -12.81
C LYS A 32 -2.77 1.38 -12.58
N PHE A 33 -3.27 1.12 -11.37
CA PHE A 33 -4.64 1.46 -11.02
C PHE A 33 -4.82 2.96 -10.91
N ARG A 34 -3.85 3.63 -10.29
CA ARG A 34 -3.90 5.08 -10.13
C ARG A 34 -3.97 5.78 -11.47
N GLY A 35 -3.41 5.15 -12.50
CA GLY A 35 -3.42 5.73 -13.83
C GLY A 35 -4.82 6.03 -14.31
N PHE A 36 -5.75 5.11 -14.06
CA PHE A 36 -7.14 5.29 -14.47
C PHE A 36 -7.92 6.12 -13.46
N CYS A 37 -7.59 5.94 -12.19
CA CYS A 37 -8.25 6.66 -11.11
C CYS A 37 -8.27 8.16 -11.40
N PHE A 38 -7.18 8.67 -11.94
CA PHE A 38 -7.07 10.09 -12.26
C PHE A 38 -8.07 10.48 -13.34
N ILE A 39 -7.94 9.88 -14.52
CA ILE A 39 -8.83 10.16 -15.64
C ILE A 39 -10.28 9.93 -15.24
N CYS A 40 -10.50 8.99 -14.33
CA CYS A 40 -11.85 8.67 -13.87
C CYS A 40 -12.48 9.87 -13.18
N TYR A 41 -11.73 10.52 -12.30
CA TYR A 41 -12.22 11.68 -11.57
C TYR A 41 -12.07 12.95 -12.40
N LYS A 42 -11.10 12.94 -13.31
CA LYS A 42 -10.84 14.09 -14.17
C LYS A 42 -12.12 14.55 -14.86
N THR A 43 -13.06 13.62 -15.02
CA THR A 43 -14.34 13.94 -15.66
C THR A 43 -15.22 14.78 -14.75
N ALA A 44 -15.39 14.33 -13.51
CA ALA A 44 -16.21 15.04 -12.54
C ALA A 44 -15.52 16.32 -12.08
N GLN A 45 -14.20 16.28 -12.00
CA GLN A 45 -13.42 17.43 -11.57
C GLN A 45 -13.71 18.64 -12.45
N ARG A 46 -13.81 18.40 -13.75
CA ARG A 46 -14.08 19.47 -14.71
C ARG A 46 -15.58 19.71 -14.84
N LEU A 47 -16.36 18.64 -14.76
CA LEU A 47 -17.82 18.73 -14.86
C LEU A 47 -18.39 19.55 -13.71
N VAL A 48 -17.80 19.40 -12.53
CA VAL A 48 -18.26 20.12 -11.35
C VAL A 48 -17.25 21.19 -10.93
N PHE A 49 -16.18 21.31 -11.71
CA PHE A 49 -15.13 22.29 -11.41
C PHE A 49 -14.67 22.17 -9.96
N LYS A 50 -14.67 20.94 -9.45
CA LYS A 50 -14.24 20.70 -8.08
C LYS A 50 -12.73 20.85 -7.93
N MET A 1 7.63 -25.05 13.88
CA MET A 1 6.88 -23.98 14.55
C MET A 1 7.75 -23.30 15.61
N GLU A 2 8.56 -24.08 16.31
CA GLU A 2 9.44 -23.55 17.34
C GLU A 2 10.29 -22.41 16.80
N GLU A 3 10.97 -22.67 15.68
CA GLU A 3 11.82 -21.66 15.06
C GLU A 3 11.09 -20.34 14.91
N VAL A 4 9.98 -20.37 14.18
CA VAL A 4 9.18 -19.16 13.96
C VAL A 4 8.94 -18.42 15.26
N LEU A 5 8.50 -19.14 16.28
CA LEU A 5 8.23 -18.56 17.59
C LEU A 5 9.40 -17.71 18.06
N LYS A 6 10.61 -18.27 17.95
CA LYS A 6 11.81 -17.56 18.37
C LYS A 6 12.16 -16.46 17.37
N SER A 7 11.82 -16.67 16.11
CA SER A 7 12.09 -15.69 15.06
C SER A 7 11.62 -14.30 15.48
N LEU A 8 10.52 -14.26 16.23
CA LEU A 8 9.97 -12.99 16.70
C LEU A 8 11.05 -12.11 17.33
N LYS A 9 12.02 -12.76 17.97
CA LYS A 9 13.12 -12.05 18.62
C LYS A 9 13.75 -11.05 17.66
N PHE A 10 14.14 -11.54 16.48
CA PHE A 10 14.77 -10.69 15.48
C PHE A 10 13.71 -9.98 14.63
N SER A 11 12.62 -10.68 14.36
CA SER A 11 11.53 -10.12 13.56
C SER A 11 11.08 -8.77 14.10
N LEU A 12 11.16 -8.61 15.42
CA LEU A 12 10.77 -7.38 16.08
C LEU A 12 11.42 -6.18 15.40
N PHE A 13 12.75 -6.22 15.28
CA PHE A 13 13.49 -5.13 14.64
C PHE A 13 13.02 -4.92 13.21
N ILE A 14 12.71 -6.02 12.53
CA ILE A 14 12.25 -5.96 11.15
C ILE A 14 10.94 -5.20 11.03
N VAL A 15 10.11 -5.31 12.06
CA VAL A 15 8.81 -4.64 12.07
C VAL A 15 8.94 -3.20 11.60
N CYS A 16 9.70 -2.40 12.34
CA CYS A 16 9.91 -0.99 12.00
C CYS A 16 10.23 -0.85 10.52
N THR A 17 10.99 -1.79 9.98
CA THR A 17 11.37 -1.76 8.56
C THR A 17 10.17 -2.04 7.67
N VAL A 18 9.37 -3.04 8.05
CA VAL A 18 8.19 -3.41 7.28
C VAL A 18 7.23 -2.23 7.12
N THR A 19 7.35 -1.27 8.04
CA THR A 19 6.50 -0.08 8.00
C THR A 19 6.44 0.50 6.60
N LEU A 20 7.59 0.78 6.02
CA LEU A 20 7.68 1.34 4.67
C LEU A 20 6.87 0.49 3.69
N THR A 21 6.97 -0.82 3.82
CA THR A 21 6.26 -1.75 2.95
C THR A 21 4.79 -1.37 2.83
N LEU A 22 4.19 -1.03 3.96
CA LEU A 22 2.78 -0.65 3.98
C LEU A 22 2.51 0.53 3.05
N PHE A 23 3.37 1.54 3.12
CA PHE A 23 3.23 2.73 2.29
C PHE A 23 3.52 2.39 0.83
N LEU A 24 4.47 1.48 0.61
CA LEU A 24 4.86 1.08 -0.73
C LEU A 24 3.65 0.55 -1.50
N MET A 25 2.92 -0.37 -0.89
CA MET A 25 1.73 -0.96 -1.51
C MET A 25 0.72 0.12 -1.87
N THR A 26 0.82 1.27 -1.20
CA THR A 26 -0.10 2.38 -1.45
C THR A 26 0.19 3.04 -2.80
N ILE A 27 1.47 3.12 -3.15
CA ILE A 27 1.87 3.72 -4.41
C ILE A 27 1.76 2.72 -5.56
N LEU A 28 2.03 1.45 -5.26
CA LEU A 28 1.97 0.39 -6.26
C LEU A 28 0.64 0.44 -7.01
N THR A 29 -0.41 0.86 -6.32
CA THR A 29 -1.74 0.94 -6.92
C THR A 29 -1.69 1.69 -8.25
N VAL A 30 -0.78 2.65 -8.34
CA VAL A 30 -0.62 3.44 -9.56
C VAL A 30 -0.36 2.56 -10.77
N THR A 31 0.57 1.63 -10.61
CA THR A 31 0.92 0.71 -11.70
C THR A 31 -0.01 -0.50 -11.72
N LYS A 32 -0.48 -0.90 -10.54
CA LYS A 32 -1.38 -2.03 -10.42
C LYS A 32 -2.59 -1.87 -11.35
N PHE A 33 -3.04 -0.63 -11.50
CA PHE A 33 -4.18 -0.34 -12.36
C PHE A 33 -4.00 -0.95 -13.74
N ARG A 34 -2.75 -0.96 -14.22
CA ARG A 34 -2.44 -1.51 -15.53
C ARG A 34 -3.00 -2.92 -15.67
N GLY A 35 -3.01 -3.67 -14.57
CA GLY A 35 -3.52 -5.02 -14.60
C GLY A 35 -4.90 -5.11 -15.22
N PHE A 36 -5.75 -4.13 -14.90
CA PHE A 36 -7.11 -4.10 -15.43
C PHE A 36 -7.11 -4.23 -16.95
N CYS A 37 -6.09 -3.65 -17.58
CA CYS A 37 -5.98 -3.70 -19.03
C CYS A 37 -6.08 -5.13 -19.54
N PHE A 38 -5.48 -6.06 -18.81
CA PHE A 38 -5.49 -7.47 -19.19
C PHE A 38 -6.92 -8.02 -19.16
N ILE A 39 -7.64 -7.72 -18.08
CA ILE A 39 -9.01 -8.19 -17.93
C ILE A 39 -9.85 -7.86 -19.16
N CYS A 40 -9.51 -6.75 -19.81
CA CYS A 40 -10.23 -6.32 -21.00
C CYS A 40 -10.33 -7.46 -22.02
N TYR A 41 -9.18 -7.98 -22.42
CA TYR A 41 -9.15 -9.08 -23.39
C TYR A 41 -9.35 -10.43 -22.69
N LYS A 42 -8.79 -10.56 -21.50
CA LYS A 42 -8.91 -11.79 -20.73
C LYS A 42 -10.37 -12.22 -20.61
N THR A 43 -11.24 -11.25 -20.33
CA THR A 43 -12.67 -11.52 -20.19
C THR A 43 -13.20 -12.30 -21.38
N ALA A 44 -12.63 -12.04 -22.56
CA ALA A 44 -13.05 -12.72 -23.77
C ALA A 44 -13.05 -14.23 -23.58
N GLN A 45 -12.09 -14.72 -22.81
CA GLN A 45 -11.98 -16.16 -22.54
C GLN A 45 -13.32 -16.73 -22.06
N ARG A 46 -14.09 -15.89 -21.36
CA ARG A 46 -15.39 -16.31 -20.84
C ARG A 46 -16.40 -16.47 -21.97
N LEU A 47 -16.36 -15.56 -22.93
CA LEU A 47 -17.28 -15.59 -24.07
C LEU A 47 -17.05 -16.84 -24.91
N VAL A 48 -15.79 -17.26 -25.01
CA VAL A 48 -15.44 -18.44 -25.77
C VAL A 48 -15.76 -19.72 -25.01
N PHE A 49 -15.63 -19.66 -23.68
CA PHE A 49 -15.91 -20.81 -22.83
C PHE A 49 -17.38 -21.22 -22.93
N LYS A 50 -18.25 -20.40 -22.35
CA LYS A 50 -19.69 -20.68 -22.37
C LYS A 50 -20.42 -19.66 -23.24
N MET A 1 -10.15 -16.44 14.52
CA MET A 1 -9.68 -15.06 14.51
C MET A 1 -9.45 -14.57 15.93
N GLU A 2 -10.43 -14.79 16.80
CA GLU A 2 -10.34 -14.35 18.19
C GLU A 2 -9.03 -14.82 18.82
N GLU A 3 -8.58 -16.01 18.42
CA GLU A 3 -7.34 -16.57 18.95
C GLU A 3 -6.12 -15.83 18.38
N VAL A 4 -6.17 -15.57 17.07
CA VAL A 4 -5.08 -14.86 16.40
C VAL A 4 -4.94 -13.43 16.91
N LEU A 5 -6.07 -12.74 17.01
CA LEU A 5 -6.09 -11.36 17.48
C LEU A 5 -5.31 -11.22 18.78
N LYS A 6 -5.38 -12.25 19.62
CA LYS A 6 -4.67 -12.24 20.89
C LYS A 6 -3.17 -12.12 20.68
N SER A 7 -2.66 -12.80 19.66
CA SER A 7 -1.23 -12.78 19.35
C SER A 7 -0.88 -11.55 18.52
N LEU A 8 -1.78 -11.20 17.60
CA LEU A 8 -1.56 -10.04 16.73
C LEU A 8 -1.21 -8.81 17.55
N LYS A 9 -1.72 -8.75 18.78
CA LYS A 9 -1.46 -7.62 19.66
C LYS A 9 0.04 -7.30 19.71
N PHE A 10 0.86 -8.34 19.64
CA PHE A 10 2.30 -8.17 19.67
C PHE A 10 2.86 -7.90 18.28
N SER A 11 2.53 -8.77 17.33
CA SER A 11 3.00 -8.63 15.97
C SER A 11 2.68 -7.22 15.43
N LEU A 12 1.61 -6.65 15.93
CA LEU A 12 1.19 -5.31 15.50
C LEU A 12 2.36 -4.33 15.55
N PHE A 13 3.11 -4.36 16.66
CA PHE A 13 4.25 -3.48 16.82
C PHE A 13 5.14 -3.50 15.59
N ILE A 14 5.64 -4.68 15.24
CA ILE A 14 6.51 -4.84 14.08
C ILE A 14 5.79 -4.43 12.80
N VAL A 15 4.59 -4.98 12.61
CA VAL A 15 3.79 -4.68 11.43
C VAL A 15 3.70 -3.17 11.19
N CYS A 16 3.52 -2.42 12.27
CA CYS A 16 3.42 -0.97 12.19
C CYS A 16 4.58 -0.39 11.39
N THR A 17 5.79 -0.90 11.65
CA THR A 17 6.98 -0.43 10.97
C THR A 17 7.03 -0.94 9.54
N VAL A 18 6.67 -2.22 9.36
CA VAL A 18 6.67 -2.82 8.03
C VAL A 18 5.66 -2.13 7.11
N THR A 19 4.63 -1.56 7.71
CA THR A 19 3.59 -0.86 6.95
C THR A 19 4.20 0.08 5.91
N LEU A 20 5.08 0.96 6.38
CA LEU A 20 5.74 1.92 5.50
C LEU A 20 6.35 1.21 4.29
N THR A 21 7.15 0.19 4.55
CA THR A 21 7.80 -0.57 3.48
C THR A 21 6.79 -0.94 2.40
N LEU A 22 5.63 -1.43 2.82
CA LEU A 22 4.59 -1.85 1.88
C LEU A 22 4.09 -0.64 1.07
N PHE A 23 3.81 0.45 1.75
CA PHE A 23 3.33 1.66 1.10
C PHE A 23 4.31 2.12 0.02
N LEU A 24 5.59 2.18 0.39
CA LEU A 24 6.63 2.61 -0.54
C LEU A 24 6.57 1.81 -1.84
N MET A 25 6.38 0.49 -1.70
CA MET A 25 6.30 -0.38 -2.87
C MET A 25 4.95 -0.24 -3.56
N THR A 26 3.92 0.09 -2.78
CA THR A 26 2.58 0.26 -3.33
C THR A 26 2.58 1.20 -4.52
N ILE A 27 3.54 2.14 -4.53
CA ILE A 27 3.65 3.10 -5.63
C ILE A 27 3.79 2.39 -6.97
N LEU A 28 4.21 1.14 -6.93
CA LEU A 28 4.39 0.35 -8.15
C LEU A 28 3.09 -0.32 -8.56
N THR A 29 2.25 -0.64 -7.56
CA THR A 29 0.97 -1.29 -7.83
C THR A 29 -0.07 -0.27 -8.30
N VAL A 30 0.24 1.01 -8.12
CA VAL A 30 -0.67 2.07 -8.54
C VAL A 30 -1.26 1.79 -9.91
N THR A 31 -0.41 1.32 -10.83
CA THR A 31 -0.85 1.01 -12.18
C THR A 31 -2.05 0.07 -12.17
N LYS A 32 -1.90 -1.08 -11.52
CA LYS A 32 -2.98 -2.06 -11.43
C LYS A 32 -4.12 -1.53 -10.58
N PHE A 33 -3.80 -0.68 -9.62
CA PHE A 33 -4.80 -0.10 -8.73
C PHE A 33 -5.96 0.48 -9.53
N ARG A 34 -5.66 0.96 -10.73
CA ARG A 34 -6.67 1.56 -11.59
C ARG A 34 -7.89 0.64 -11.71
N GLY A 35 -7.64 -0.67 -11.71
CA GLY A 35 -8.72 -1.63 -11.81
C GLY A 35 -9.50 -1.77 -10.52
N PHE A 36 -8.81 -1.62 -9.39
CA PHE A 36 -9.44 -1.74 -8.08
C PHE A 36 -10.35 -0.54 -7.81
N CYS A 37 -10.00 0.60 -8.39
CA CYS A 37 -10.78 1.82 -8.21
C CYS A 37 -12.27 1.55 -8.44
N PHE A 38 -12.56 0.69 -9.39
CA PHE A 38 -13.94 0.34 -9.72
C PHE A 38 -14.60 -0.40 -8.57
N ILE A 39 -14.01 -1.54 -8.19
CA ILE A 39 -14.54 -2.35 -7.10
C ILE A 39 -14.72 -1.52 -5.84
N CYS A 40 -13.79 -0.61 -5.60
CA CYS A 40 -13.84 0.25 -4.42
C CYS A 40 -15.20 0.93 -4.30
N TYR A 41 -15.56 1.70 -5.34
CA TYR A 41 -16.84 2.41 -5.35
C TYR A 41 -17.99 1.44 -5.55
N LYS A 42 -17.76 0.41 -6.36
CA LYS A 42 -18.79 -0.59 -6.64
C LYS A 42 -19.31 -1.21 -5.35
N THR A 43 -18.39 -1.57 -4.46
CA THR A 43 -18.76 -2.18 -3.18
C THR A 43 -19.09 -1.11 -2.14
N ALA A 44 -18.40 0.03 -2.24
CA ALA A 44 -18.63 1.13 -1.31
C ALA A 44 -20.10 1.50 -1.23
N GLN A 45 -20.84 1.23 -2.30
CA GLN A 45 -22.26 1.54 -2.36
C GLN A 45 -22.97 1.02 -1.12
N ARG A 46 -22.71 -0.25 -0.78
CA ARG A 46 -23.34 -0.86 0.39
C ARG A 46 -22.61 -0.45 1.67
N LEU A 47 -21.32 -0.20 1.56
CA LEU A 47 -20.51 0.19 2.71
C LEU A 47 -20.98 1.54 3.25
N VAL A 48 -21.45 2.40 2.35
CA VAL A 48 -21.91 3.73 2.74
C VAL A 48 -23.44 3.77 2.83
N PHE A 49 -24.06 2.61 2.63
CA PHE A 49 -25.52 2.50 2.69
C PHE A 49 -26.03 3.00 4.04
N LYS A 50 -27.35 2.89 4.24
CA LYS A 50 -27.98 3.32 5.47
C LYS A 50 -27.79 2.28 6.57
#